data_5LIW
#
_entry.id   5LIW
#
_cell.length_a   79.585
_cell.length_b   79.585
_cell.length_c   49.854
_cell.angle_alpha   90.00
_cell.angle_beta   90.00
_cell.angle_gamma   120.00
#
_symmetry.space_group_name_H-M   'P 31'
#
loop_
_entity.id
_entity.type
_entity.pdbx_description
1 polymer 'Aldo-keto reductase family 1 member B10'
2 non-polymer 'NADP NICOTINAMIDE-ADENINE-DINUCLEOTIDE PHOSPHATE'
3 non-polymer '{2-[(4-bromo-2,3,5,6-tetrafluorobenzyl)carbamoyl]-5-chlorophenoxy}acetic acid'
4 non-polymer 1,2-ETHANEDIOL
5 water water
#
_entity_poly.entity_id   1
_entity_poly.type   'polypeptide(L)'
_entity_poly.pdbx_seq_one_letter_code
;MATFVELSTKAKMPIVGLGTWKSPLGKVKEAV(MLY)VAIDAGYRHIDCAYVYQNEHEVGEAIQE(MLZ)IQEKAVKRED
LFIVSKLWPTFFERPLVRKAFE(MLY)TLKDLKLSYLDVYLIHWPQGFKSGDDLFPRDDKGNAIGGKATFLDAWEAMEEL
VDEGLV(MLZ)ALGVSNFSHFQIEKLLNKPGL(MLZ)YKPVTNQVECHPYLTQEKLIQYCHS(MLY)GITVTAYSPLGSP
DRPWAKPEDPSLLEDPKIKEIAAKH(MLY)(MLZ)TAAQVLIRFHIQRNVIVIP(MLY)SVTPARIVENIQVFDFKLSDE
EMATILSFNRNWRACNLLQSSHLEDYPFNAEY
;
_entity_poly.pdbx_strand_id   X
#
# COMPACT_ATOMS: atom_id res chain seq x y z
N MET A 1 16.52 -7.04 -7.88
CA MET A 1 16.31 -8.46 -7.57
C MET A 1 14.87 -8.91 -7.85
N ALA A 2 13.90 -8.04 -7.56
CA ALA A 2 12.49 -8.32 -7.81
C ALA A 2 12.16 -8.43 -9.31
N THR A 3 11.22 -9.30 -9.66
CA THR A 3 10.57 -9.17 -10.96
C THR A 3 9.56 -8.03 -10.84
N PHE A 4 8.74 -7.83 -11.87
CA PHE A 4 7.87 -6.66 -11.94
C PHE A 4 6.46 -7.03 -12.34
N VAL A 5 5.52 -6.12 -12.09
CA VAL A 5 4.19 -6.19 -12.69
C VAL A 5 4.04 -4.97 -13.59
N GLU A 6 3.68 -5.22 -14.84
CA GLU A 6 3.56 -4.12 -15.79
C GLU A 6 2.25 -3.39 -15.58
N LEU A 7 2.33 -2.07 -15.48
CA LEU A 7 1.14 -1.23 -15.32
C LEU A 7 0.54 -0.89 -16.66
N SER A 8 -0.64 -0.28 -16.65
CA SER A 8 -1.29 0.13 -17.90
C SER A 8 -0.52 1.25 -18.63
N THR A 9 0.31 1.98 -17.88
CA THR A 9 1.17 3.00 -18.45
C THR A 9 2.39 2.36 -19.08
N LYS A 10 2.49 1.04 -18.96
CA LYS A 10 3.66 0.25 -19.33
C LYS A 10 4.87 0.38 -18.38
N ALA A 11 4.74 1.22 -17.35
CA ALA A 11 5.81 1.31 -16.36
C ALA A 11 5.90 -0.01 -15.60
N LYS A 12 7.07 -0.30 -15.06
CA LYS A 12 7.29 -1.57 -14.38
C LYS A 12 7.35 -1.38 -12.87
N MET A 13 6.40 -1.96 -12.17
CA MET A 13 6.31 -1.77 -10.73
C MET A 13 6.90 -3.00 -10.04
N PRO A 14 7.98 -2.80 -9.26
CA PRO A 14 8.63 -3.96 -8.63
C PRO A 14 7.66 -4.70 -7.72
N ILE A 15 7.64 -6.02 -7.84
CA ILE A 15 6.59 -6.83 -7.23
C ILE A 15 6.75 -6.99 -5.71
N VAL A 16 7.96 -6.78 -5.20
CA VAL A 16 8.15 -6.65 -3.75
C VAL A 16 8.65 -5.25 -3.41
N GLY A 17 7.98 -4.61 -2.44
CA GLY A 17 8.37 -3.28 -2.02
C GLY A 17 8.56 -3.21 -0.52
N LEU A 18 9.10 -2.10 -0.02
CA LEU A 18 9.30 -1.95 1.41
C LEU A 18 8.22 -1.05 2.02
N GLY A 19 7.50 -1.61 2.99
CA GLY A 19 6.51 -0.83 3.73
C GLY A 19 7.19 0.08 4.74
N THR A 20 6.55 1.20 5.09
CA THR A 20 7.19 2.13 6.02
C THR A 20 6.24 2.65 7.11
N TRP A 21 5.01 2.14 7.17
CA TRP A 21 4.15 2.55 8.27
C TRP A 21 4.73 2.10 9.60
N LYS A 22 4.81 3.02 10.56
CA LYS A 22 5.29 2.74 11.92
C LYS A 22 6.78 2.42 12.00
N SER A 23 7.51 2.70 10.91
CA SER A 23 8.96 2.60 10.98
C SER A 23 9.44 3.87 11.68
N PRO A 24 10.04 3.72 12.88
CA PRO A 24 10.38 4.92 13.65
C PRO A 24 11.52 5.72 13.03
N LEU A 25 11.58 7.02 13.30
CA LEU A 25 12.75 7.82 12.93
C LEU A 25 13.94 7.28 13.71
N GLY A 26 15.09 7.21 13.05
CA GLY A 26 16.28 6.63 13.66
C GLY A 26 16.44 5.18 13.24
N LYS A 27 15.38 4.63 12.64
CA LYS A 27 15.43 3.27 12.11
C LYS A 27 14.98 3.16 10.66
N VAL A 28 14.13 4.08 10.20
CA VAL A 28 13.61 3.95 8.85
C VAL A 28 14.66 4.32 7.81
N LYS A 29 15.57 5.24 8.16
CA LYS A 29 16.63 5.57 7.20
C LYS A 29 17.52 4.37 6.95
N GLU A 30 17.92 3.69 8.02
CA GLU A 30 18.72 2.48 7.89
C GLU A 30 17.93 1.35 7.23
N ALA A 31 16.63 1.26 7.51
CA ALA A 31 15.78 0.27 6.86
C ALA A 31 15.77 0.42 5.35
N VAL A 32 15.66 1.66 4.87
CA VAL A 32 15.65 1.94 3.43
C VAL A 32 17.01 1.68 2.79
N VAL A 34 19.40 -0.48 3.84
CA VAL A 34 19.53 -1.93 3.80
C VAL A 34 18.68 -2.56 2.70
N ALA A 35 17.45 -2.08 2.55
CA ALA A 35 16.56 -2.62 1.54
C ALA A 35 17.12 -2.39 0.14
N ILE A 36 17.54 -1.16 -0.13
CA ILE A 36 18.14 -0.85 -1.44
C ILE A 36 19.40 -1.70 -1.64
N ASP A 37 20.17 -1.89 -0.57
CA ASP A 37 21.35 -2.76 -0.64
C ASP A 37 20.97 -4.20 -0.96
N ALA A 38 19.84 -4.65 -0.45
CA ALA A 38 19.39 -6.02 -0.63
C ALA A 38 18.65 -6.22 -1.95
N GLY A 39 18.47 -5.16 -2.73
CA GLY A 39 17.81 -5.28 -4.02
C GLY A 39 16.42 -4.68 -4.16
N TYR A 40 15.83 -4.21 -3.06
CA TYR A 40 14.53 -3.53 -3.14
C TYR A 40 14.63 -2.31 -4.03
N ARG A 41 13.61 -2.07 -4.85
CA ARG A 41 13.56 -0.90 -5.71
C ARG A 41 12.24 -0.15 -5.55
N HIS A 42 11.39 -0.68 -4.68
CA HIS A 42 10.04 -0.14 -4.50
C HIS A 42 9.90 0.18 -3.01
N ILE A 43 9.63 1.44 -2.69
CA ILE A 43 9.38 1.89 -1.32
C ILE A 43 7.97 2.46 -1.22
N ASP A 44 7.19 1.96 -0.25
CA ASP A 44 5.84 2.46 -0.06
C ASP A 44 5.78 3.42 1.12
N CYS A 45 5.34 4.64 0.83
CA CYS A 45 5.39 5.74 1.79
C CYS A 45 4.01 6.35 1.96
N ALA A 46 3.85 7.24 2.94
CA ALA A 46 2.66 8.10 3.02
C ALA A 46 2.89 9.34 3.87
N TYR A 47 2.15 10.40 3.54
CA TYR A 47 2.09 11.62 4.36
C TYR A 47 1.80 11.35 5.84
N VAL A 48 0.79 10.52 6.10
CA VAL A 48 0.31 10.28 7.45
C VAL A 48 1.31 9.50 8.32
N TYR A 49 2.33 8.91 7.69
CA TYR A 49 3.33 8.15 8.46
C TYR A 49 4.32 9.09 9.13
N GLN A 50 4.37 10.33 8.62
CA GLN A 50 5.22 11.38 9.20
C GLN A 50 6.69 10.97 9.34
N ASN A 51 7.18 10.22 8.35
CA ASN A 51 8.58 9.81 8.30
C ASN A 51 9.20 9.92 6.91
N GLU A 52 8.46 10.54 5.98
CA GLU A 52 8.97 10.72 4.62
C GLU A 52 10.29 11.50 4.55
N HIS A 53 10.49 12.44 5.48
CA HIS A 53 11.74 13.21 5.50
C HIS A 53 12.93 12.28 5.72
N GLU A 54 12.75 11.28 6.58
CA GLU A 54 13.82 10.31 6.80
C GLU A 54 13.95 9.31 5.64
N VAL A 55 12.85 8.90 5.02
CA VAL A 55 12.96 8.05 3.85
C VAL A 55 13.70 8.80 2.75
N GLY A 56 13.41 10.09 2.61
CA GLY A 56 14.02 10.93 1.59
C GLY A 56 15.52 10.95 1.78
N GLU A 57 15.95 11.12 3.02
CA GLU A 57 17.38 11.18 3.31
C GLU A 57 18.10 9.92 2.90
N ALA A 58 17.47 8.77 3.14
CA ALA A 58 18.06 7.48 2.82
C ALA A 58 18.16 7.27 1.32
N ILE A 59 17.09 7.60 0.61
CA ILE A 59 17.08 7.48 -0.84
C ILE A 59 18.16 8.35 -1.46
N GLN A 60 18.30 9.57 -0.97
CA GLN A 60 19.30 10.50 -1.49
C GLN A 60 20.72 9.96 -1.31
N GLU A 61 20.99 9.42 -0.14
CA GLU A 61 22.29 8.80 0.16
C GLU A 61 22.67 7.74 -0.85
N ILE A 63 21.52 7.15 -3.77
CA ILE A 63 21.70 7.75 -5.08
C ILE A 63 23.06 8.45 -5.15
N GLN A 64 23.40 9.23 -4.13
CA GLN A 64 24.68 9.92 -4.07
C GLN A 64 25.86 8.95 -4.20
N GLU A 65 25.72 7.78 -3.59
CA GLU A 65 26.80 6.80 -3.54
C GLU A 65 26.76 5.76 -4.66
N LYS A 66 26.01 6.04 -5.73
CA LYS A 66 25.97 5.16 -6.91
C LYS A 66 25.36 3.79 -6.61
N ALA A 67 24.72 3.62 -5.46
CA ALA A 67 24.12 2.34 -5.11
C ALA A 67 22.96 2.02 -6.05
N VAL A 68 22.33 3.06 -6.58
CA VAL A 68 21.14 2.90 -7.40
C VAL A 68 20.87 4.21 -8.13
N LYS A 69 20.09 4.14 -9.21
CA LYS A 69 19.72 5.31 -9.99
C LYS A 69 18.24 5.62 -9.76
N ARG A 70 17.88 6.90 -9.75
CA ARG A 70 16.48 7.30 -9.52
C ARG A 70 15.50 6.55 -10.42
N GLU A 71 15.85 6.40 -11.70
CA GLU A 71 14.93 5.80 -12.66
C GLU A 71 14.65 4.32 -12.38
N ASP A 72 15.50 3.70 -11.57
CA ASP A 72 15.31 2.29 -11.21
C ASP A 72 14.57 2.13 -9.89
N LEU A 73 14.30 3.26 -9.22
CA LEU A 73 13.54 3.25 -7.98
C LEU A 73 12.08 3.48 -8.30
N PHE A 74 11.20 2.94 -7.46
CA PHE A 74 9.77 3.08 -7.66
C PHE A 74 9.19 3.58 -6.36
N ILE A 75 8.92 4.88 -6.29
CA ILE A 75 8.51 5.49 -5.03
C ILE A 75 7.03 5.86 -5.04
N VAL A 76 6.31 5.36 -4.04
CA VAL A 76 4.87 5.53 -3.96
C VAL A 76 4.56 6.33 -2.69
N SER A 77 3.70 7.34 -2.82
CA SER A 77 3.12 7.95 -1.63
C SER A 77 1.63 8.09 -1.74
N LYS A 78 1.02 8.65 -0.70
CA LYS A 78 -0.42 8.65 -0.56
C LYS A 78 -0.97 9.98 -0.02
N LEU A 79 -2.09 10.39 -0.60
CA LEU A 79 -2.80 11.59 -0.19
C LEU A 79 -3.77 11.26 0.93
N TRP A 80 -3.66 11.97 2.04
CA TRP A 80 -4.51 11.73 3.19
C TRP A 80 -5.83 12.51 3.04
N PRO A 81 -6.97 11.92 3.47
CA PRO A 81 -8.27 12.52 3.16
C PRO A 81 -8.67 13.79 3.90
N THR A 82 -7.81 14.38 4.72
CA THR A 82 -8.08 15.74 5.21
C THR A 82 -7.64 16.76 4.17
N PHE A 83 -7.06 16.29 3.07
CA PHE A 83 -6.54 17.19 2.06
C PHE A 83 -7.22 16.98 0.71
N PHE A 84 -8.51 16.68 0.71
CA PHE A 84 -9.20 16.40 -0.56
C PHE A 84 -9.62 17.68 -1.30
N GLU A 85 -9.73 18.81 -0.58
CA GLU A 85 -9.99 20.08 -1.24
C GLU A 85 -8.84 20.38 -2.21
N ARG A 86 -9.19 20.79 -3.44
CA ARG A 86 -8.19 20.98 -4.50
C ARG A 86 -6.87 21.68 -4.09
N PRO A 87 -6.94 22.83 -3.41
CA PRO A 87 -5.73 23.57 -3.03
C PRO A 87 -4.86 22.80 -2.03
N LEU A 88 -5.51 22.06 -1.14
CA LEU A 88 -4.81 21.23 -0.17
C LEU A 88 -4.14 19.99 -0.78
N VAL A 89 -4.70 19.46 -1.86
CA VAL A 89 -4.04 18.33 -2.53
C VAL A 89 -2.64 18.73 -2.93
N ARG A 90 -2.53 19.90 -3.56
CA ARG A 90 -1.23 20.40 -4.03
C ARG A 90 -0.26 20.61 -2.88
N LYS A 91 -0.72 21.25 -1.81
CA LYS A 91 0.11 21.56 -0.66
C LYS A 91 0.60 20.30 0.03
N ALA A 92 -0.31 19.33 0.17
CA ALA A 92 0.02 18.08 0.84
C ALA A 92 1.05 17.34 0.02
N PHE A 93 0.81 17.32 -1.29
CA PHE A 93 1.75 16.68 -2.20
C PHE A 93 3.10 17.36 -2.14
N GLU A 94 3.12 18.68 -2.11
CA GLU A 94 4.38 19.40 -2.12
C GLU A 94 5.21 19.07 -0.88
N THR A 96 4.94 16.14 0.88
CA THR A 96 5.42 14.79 0.61
C THR A 96 6.64 14.80 -0.32
N LEU A 97 6.57 15.54 -1.43
CA LEU A 97 7.68 15.54 -2.38
C LEU A 97 8.92 16.25 -1.83
N LYS A 98 8.72 17.32 -1.05
CA LYS A 98 9.87 17.99 -0.45
C LYS A 98 10.55 17.09 0.58
N ASP A 99 9.74 16.43 1.42
CA ASP A 99 10.25 15.52 2.44
C ASP A 99 11.01 14.36 1.81
N LEU A 100 10.52 13.83 0.70
CA LEU A 100 11.16 12.68 0.06
C LEU A 100 12.38 13.13 -0.77
N LYS A 101 12.55 14.45 -0.87
CA LYS A 101 13.66 15.04 -1.61
C LYS A 101 13.74 14.55 -3.05
N LEU A 102 12.59 14.36 -3.69
CA LEU A 102 12.49 13.88 -5.07
C LEU A 102 11.90 14.91 -6.01
N SER A 103 12.09 14.70 -7.31
CA SER A 103 11.57 15.61 -8.31
C SER A 103 10.23 15.11 -8.85
N TYR A 104 9.94 13.83 -8.60
CA TYR A 104 8.68 13.21 -9.01
C TYR A 104 8.38 11.97 -8.17
N LEU A 105 7.11 11.59 -8.12
CA LEU A 105 6.70 10.31 -7.54
C LEU A 105 6.31 9.36 -8.66
N ASP A 106 6.59 8.08 -8.48
CA ASP A 106 6.21 7.07 -9.46
C ASP A 106 4.70 6.82 -9.42
N VAL A 107 4.15 6.68 -8.22
CA VAL A 107 2.71 6.56 -8.07
C VAL A 107 2.25 7.38 -6.86
N TYR A 108 1.15 8.11 -7.02
CA TYR A 108 0.50 8.83 -5.92
C TYR A 108 -0.91 8.25 -5.71
N LEU A 109 -1.21 7.82 -4.49
CA LEU A 109 -2.48 7.13 -4.22
C LEU A 109 -3.44 7.98 -3.36
N ILE A 110 -4.74 7.81 -3.60
CA ILE A 110 -5.75 8.20 -2.60
C ILE A 110 -5.60 7.17 -1.49
N HIS A 111 -5.33 7.61 -0.25
CA HIS A 111 -5.05 6.68 0.85
C HIS A 111 -6.33 5.95 1.29
N TRP A 112 -7.47 6.64 1.23
CA TRP A 112 -8.73 6.11 1.75
C TRP A 112 -9.82 6.87 1.02
N PRO A 113 -10.93 6.20 0.65
CA PRO A 113 -11.92 6.86 -0.22
C PRO A 113 -12.76 7.97 0.39
N GLN A 114 -12.96 7.95 1.71
CA GLN A 114 -13.83 8.93 2.37
C GLN A 114 -13.11 10.23 2.73
N GLY A 115 -13.68 11.37 2.34
CA GLY A 115 -13.12 12.66 2.72
C GLY A 115 -13.34 12.97 4.19
N PHE A 116 -12.31 13.48 4.86
CA PHE A 116 -12.43 13.84 6.28
C PHE A 116 -12.45 15.37 6.35
N LYS A 117 -12.77 15.90 7.52
CA LYS A 117 -12.74 17.34 7.73
C LYS A 117 -11.39 17.90 7.26
N SER A 118 -11.45 18.92 6.42
CA SER A 118 -10.25 19.40 5.72
C SER A 118 -9.24 20.13 6.60
N GLY A 119 -7.96 19.95 6.32
CA GLY A 119 -6.93 20.69 7.01
C GLY A 119 -5.87 19.85 7.70
N ASP A 120 -5.10 20.47 8.57
CA ASP A 120 -3.91 19.80 9.10
C ASP A 120 -4.09 19.01 10.42
N ASP A 121 -5.33 18.94 10.93
CA ASP A 121 -5.70 17.93 11.95
C ASP A 121 -5.93 16.65 11.17
N LEU A 122 -5.00 15.70 11.28
CA LEU A 122 -5.07 14.52 10.43
C LEU A 122 -6.15 13.55 10.86
N PHE A 123 -6.52 13.58 12.13
CA PHE A 123 -7.49 12.61 12.63
C PHE A 123 -8.63 13.28 13.36
N PRO A 124 -9.47 14.02 12.62
CA PRO A 124 -10.62 14.71 13.19
C PRO A 124 -11.67 13.68 13.58
N ARG A 125 -12.04 13.67 14.86
N ARG A 125 -12.04 13.67 14.86
CA ARG A 125 -12.99 12.69 15.37
CA ARG A 125 -12.99 12.69 15.37
C ARG A 125 -13.91 13.34 16.38
C ARG A 125 -13.91 13.34 16.38
N ASP A 126 -15.10 12.76 16.57
CA ASP A 126 -16.01 13.23 17.60
C ASP A 126 -15.56 12.68 18.97
N ASP A 127 -16.32 12.97 20.03
CA ASP A 127 -15.95 12.52 21.36
C ASP A 127 -15.88 11.00 21.48
N LYS A 128 -16.65 10.30 20.64
CA LYS A 128 -16.73 8.85 20.66
C LYS A 128 -15.61 8.23 19.81
N GLY A 129 -14.99 9.03 18.97
CA GLY A 129 -13.93 8.53 18.11
C GLY A 129 -14.39 8.27 16.69
N ASN A 130 -15.59 8.72 16.35
CA ASN A 130 -16.10 8.59 14.99
C ASN A 130 -15.50 9.68 14.11
N ALA A 131 -15.10 9.30 12.91
CA ALA A 131 -14.49 10.24 11.96
C ALA A 131 -15.44 11.37 11.64
N ILE A 132 -14.89 12.58 11.54
CA ILE A 132 -15.63 13.74 11.07
C ILE A 132 -15.37 13.92 9.58
N GLY A 133 -16.43 13.89 8.78
CA GLY A 133 -16.30 14.01 7.34
C GLY A 133 -16.06 15.44 6.87
N GLY A 134 -15.58 15.57 5.64
CA GLY A 134 -15.49 16.84 4.94
C GLY A 134 -16.29 16.74 3.65
N LYS A 135 -16.57 17.87 3.01
CA LYS A 135 -17.43 17.83 1.82
C LYS A 135 -16.67 17.45 0.55
N ALA A 136 -15.37 17.70 0.52
CA ALA A 136 -14.58 17.34 -0.66
C ALA A 136 -14.50 15.82 -0.72
N THR A 137 -14.65 15.27 -1.93
CA THR A 137 -14.70 13.82 -2.13
C THR A 137 -13.44 13.32 -2.82
N PHE A 138 -13.32 12.00 -2.99
CA PHE A 138 -12.14 11.48 -3.65
C PHE A 138 -12.07 11.86 -5.13
N LEU A 139 -13.22 12.22 -5.70
CA LEU A 139 -13.26 12.70 -7.08
C LEU A 139 -12.71 14.12 -7.18
N ASP A 140 -12.98 14.94 -6.16
CA ASP A 140 -12.38 16.28 -6.08
C ASP A 140 -10.87 16.16 -5.96
N ALA A 141 -10.41 15.21 -5.16
CA ALA A 141 -8.97 14.99 -4.96
C ALA A 141 -8.32 14.55 -6.26
N TRP A 142 -8.99 13.62 -6.96
CA TRP A 142 -8.46 13.01 -8.16
C TRP A 142 -8.22 14.07 -9.23
N GLU A 143 -9.16 15.01 -9.30
CA GLU A 143 -9.05 16.17 -10.18
C GLU A 143 -7.74 16.90 -9.97
N ALA A 144 -7.43 17.21 -8.71
CA ALA A 144 -6.20 17.91 -8.38
C ALA A 144 -4.96 17.03 -8.61
N MET A 145 -5.10 15.74 -8.31
CA MET A 145 -3.99 14.82 -8.57
C MET A 145 -3.68 14.68 -10.06
N GLU A 146 -4.69 14.82 -10.90
CA GLU A 146 -4.47 14.66 -12.32
C GLU A 146 -3.60 15.78 -12.87
N GLU A 147 -3.63 16.93 -12.22
CA GLU A 147 -2.76 18.04 -12.60
C GLU A 147 -1.30 17.63 -12.41
N LEU A 148 -1.02 16.96 -11.30
CA LEU A 148 0.34 16.52 -11.02
C LEU A 148 0.89 15.60 -12.11
N VAL A 149 0.02 14.82 -12.74
CA VAL A 149 0.46 13.95 -13.84
C VAL A 149 0.70 14.79 -15.10
N ASP A 150 -0.20 15.74 -15.34
CA ASP A 150 -0.03 16.66 -16.46
C ASP A 150 1.32 17.35 -16.40
N GLU A 151 1.74 17.69 -15.18
CA GLU A 151 2.95 18.48 -14.95
C GLU A 151 4.20 17.60 -14.83
N GLY A 152 4.01 16.29 -14.82
CA GLY A 152 5.12 15.36 -14.74
C GLY A 152 5.63 15.14 -13.32
N LEU A 153 4.92 15.64 -12.33
CA LEU A 153 5.35 15.52 -10.94
C LEU A 153 5.04 14.14 -10.40
N VAL A 154 4.18 13.42 -11.10
CA VAL A 154 3.75 12.09 -10.68
C VAL A 154 3.56 11.31 -11.96
N ALA A 156 2.04 8.22 -12.33
CA ALA A 156 0.74 7.55 -12.38
C ALA A 156 0.01 7.68 -11.05
N LEU A 157 -1.32 7.62 -11.10
CA LEU A 157 -2.14 7.72 -9.90
C LEU A 157 -2.73 6.36 -9.60
N GLY A 158 -3.12 6.15 -8.34
CA GLY A 158 -3.83 4.93 -7.97
C GLY A 158 -4.73 5.19 -6.79
N VAL A 159 -5.33 4.11 -6.28
CA VAL A 159 -6.22 4.21 -5.13
C VAL A 159 -5.81 3.20 -4.08
N SER A 160 -6.38 3.34 -2.90
CA SER A 160 -6.13 2.41 -1.80
C SER A 160 -7.41 2.28 -0.99
N ASN A 161 -7.67 1.06 -0.54
CA ASN A 161 -8.88 0.74 0.21
C ASN A 161 -10.16 1.08 -0.54
N PHE A 162 -10.16 0.88 -1.86
CA PHE A 162 -11.36 1.04 -2.68
C PHE A 162 -12.00 -0.31 -2.91
N SER A 163 -13.32 -0.37 -2.84
CA SER A 163 -14.05 -1.54 -3.29
C SER A 163 -14.32 -1.35 -4.77
N HIS A 164 -14.89 -2.35 -5.41
CA HIS A 164 -15.19 -2.23 -6.84
C HIS A 164 -16.21 -1.13 -7.10
N PHE A 165 -17.03 -0.80 -6.11
CA PHE A 165 -18.01 0.27 -6.30
C PHE A 165 -17.33 1.63 -6.44
N GLN A 166 -16.35 1.88 -5.58
CA GLN A 166 -15.61 3.13 -5.65
C GLN A 166 -14.75 3.18 -6.91
N ILE A 167 -14.19 2.05 -7.33
CA ILE A 167 -13.40 2.04 -8.56
C ILE A 167 -14.31 2.29 -9.78
N GLU A 168 -15.48 1.65 -9.80
CA GLU A 168 -16.47 1.96 -10.84
C GLU A 168 -16.82 3.44 -10.84
N LYS A 169 -17.03 4.01 -9.66
CA LYS A 169 -17.36 5.43 -9.51
C LYS A 169 -16.25 6.29 -10.11
N LEU A 170 -15.01 5.84 -9.95
CA LEU A 170 -13.86 6.55 -10.53
C LEU A 170 -13.75 6.32 -12.04
N LEU A 171 -13.80 5.05 -12.46
CA LEU A 171 -13.64 4.74 -13.88
C LEU A 171 -14.76 5.35 -14.72
N ASN A 172 -15.93 5.51 -14.11
CA ASN A 172 -17.12 5.96 -14.82
C ASN A 172 -17.35 7.46 -14.72
N LYS A 173 -16.44 8.17 -14.06
CA LYS A 173 -16.54 9.63 -13.96
C LYS A 173 -16.43 10.23 -15.35
N PRO A 174 -17.40 11.07 -15.73
CA PRO A 174 -17.23 11.64 -17.07
C PRO A 174 -16.12 12.67 -17.03
N GLY A 175 -15.25 12.67 -18.03
CA GLY A 175 -14.16 13.61 -18.11
C GLY A 175 -12.87 13.15 -17.45
N LEU A 176 -12.85 11.89 -16.98
CA LEU A 176 -11.65 11.29 -16.42
C LEU A 176 -10.43 11.41 -17.34
N TYR A 178 -6.92 10.47 -16.19
CA TYR A 178 -6.01 9.37 -15.93
C TYR A 178 -6.71 8.30 -15.12
N LYS A 179 -6.46 7.05 -15.44
CA LYS A 179 -7.08 5.95 -14.68
C LYS A 179 -6.10 5.47 -13.63
N PRO A 180 -6.60 4.88 -12.54
CA PRO A 180 -5.69 4.35 -11.52
C PRO A 180 -4.91 3.14 -12.04
N VAL A 181 -3.66 3.03 -11.62
CA VAL A 181 -2.81 1.93 -12.08
C VAL A 181 -2.76 0.80 -11.06
N THR A 182 -3.22 1.08 -9.84
CA THR A 182 -3.20 0.07 -8.79
C THR A 182 -4.22 0.36 -7.72
N ASN A 183 -4.65 -0.68 -7.03
CA ASN A 183 -5.49 -0.57 -5.85
C ASN A 183 -4.80 -1.28 -4.70
N GLN A 184 -4.36 -0.49 -3.73
CA GLN A 184 -3.62 -1.02 -2.59
C GLN A 184 -4.59 -1.37 -1.45
N VAL A 185 -4.69 -2.65 -1.14
CA VAL A 185 -5.66 -3.11 -0.15
C VAL A 185 -5.01 -4.16 0.71
N GLU A 186 -5.59 -4.39 1.87
CA GLU A 186 -5.08 -5.46 2.72
C GLU A 186 -5.30 -6.79 2.01
N CYS A 187 -4.31 -7.67 2.05
CA CYS A 187 -4.45 -8.95 1.39
C CYS A 187 -3.46 -9.96 1.95
N HIS A 188 -3.98 -11.14 2.29
CA HIS A 188 -3.17 -12.19 2.86
C HIS A 188 -4.05 -13.42 2.93
N PRO A 189 -3.55 -14.55 3.45
CA PRO A 189 -4.42 -15.72 3.36
C PRO A 189 -5.74 -15.66 4.13
N TYR A 190 -5.91 -14.73 5.06
CA TYR A 190 -7.18 -14.66 5.79
C TYR A 190 -8.14 -13.68 5.12
N LEU A 191 -7.62 -12.94 4.14
CA LEU A 191 -8.38 -11.97 3.37
C LEU A 191 -7.85 -12.02 1.93
N THR A 192 -8.31 -13.01 1.18
CA THR A 192 -7.67 -13.34 -0.09
C THR A 192 -8.07 -12.41 -1.24
N GLN A 193 -9.15 -11.64 -1.05
CA GLN A 193 -9.58 -10.67 -2.05
C GLN A 193 -9.80 -11.23 -3.45
N GLU A 194 -10.37 -12.43 -3.57
CA GLU A 194 -10.49 -13.04 -4.90
C GLU A 194 -11.29 -12.20 -5.89
N LYS A 195 -12.48 -11.79 -5.48
CA LYS A 195 -13.37 -11.07 -6.38
C LYS A 195 -12.82 -9.68 -6.68
N LEU A 196 -12.23 -9.03 -5.68
CA LEU A 196 -11.66 -7.68 -5.89
C LEU A 196 -10.45 -7.72 -6.84
N ILE A 197 -9.58 -8.70 -6.65
CA ILE A 197 -8.44 -8.88 -7.55
C ILE A 197 -8.95 -9.22 -8.95
N GLN A 198 -9.92 -10.13 -9.06
CA GLN A 198 -10.51 -10.45 -10.37
C GLN A 198 -11.01 -9.18 -11.06
N TYR A 199 -11.76 -8.37 -10.31
CA TYR A 199 -12.30 -7.11 -10.84
C TYR A 199 -11.21 -6.16 -11.29
N CYS A 200 -10.20 -5.93 -10.45
CA CYS A 200 -9.17 -4.95 -10.76
C CYS A 200 -8.40 -5.37 -12.00
N HIS A 201 -8.04 -6.64 -12.06
CA HIS A 201 -7.25 -7.13 -13.19
C HIS A 201 -8.02 -6.97 -14.49
N SER A 202 -9.33 -7.19 -14.43
CA SER A 202 -10.19 -7.09 -15.61
C SER A 202 -10.31 -5.66 -16.12
N GLY A 204 -7.61 -3.61 -15.90
CA GLY A 204 -6.24 -3.19 -16.14
C GLY A 204 -5.63 -2.53 -14.92
N ILE A 205 -6.14 -2.90 -13.76
CA ILE A 205 -5.67 -2.30 -12.51
C ILE A 205 -4.92 -3.34 -11.68
N THR A 206 -3.66 -3.06 -11.31
CA THR A 206 -2.91 -4.01 -10.48
C THR A 206 -3.38 -3.89 -9.04
N VAL A 207 -3.05 -4.89 -8.22
CA VAL A 207 -3.37 -4.84 -6.81
C VAL A 207 -2.06 -4.86 -6.03
N THR A 208 -1.96 -4.01 -5.00
CA THR A 208 -0.83 -4.03 -4.07
C THR A 208 -1.34 -4.50 -2.73
N ALA A 209 -0.73 -5.57 -2.21
CA ALA A 209 -1.21 -6.19 -0.99
C ALA A 209 -0.50 -5.56 0.19
N TYR A 210 -1.26 -4.92 1.06
CA TYR A 210 -0.71 -4.43 2.31
C TYR A 210 -1.00 -5.34 3.50
N SER A 211 -0.24 -5.12 4.58
CA SER A 211 -0.28 -5.99 5.75
C SER A 211 -0.18 -7.48 5.41
N PRO A 212 0.78 -7.85 4.53
CA PRO A 212 0.82 -9.24 4.06
C PRO A 212 1.27 -10.22 5.13
N LEU A 213 1.82 -9.75 6.23
CA LEU A 213 2.25 -10.65 7.30
C LEU A 213 1.22 -10.59 8.43
N GLY A 214 0.10 -9.92 8.16
CA GLY A 214 -0.97 -9.77 9.13
C GLY A 214 -0.69 -8.67 10.13
N SER A 215 0.30 -7.83 9.83
CA SER A 215 0.62 -6.66 10.64
C SER A 215 0.65 -6.95 12.16
N PRO A 216 1.55 -7.85 12.60
CA PRO A 216 1.49 -8.35 13.98
C PRO A 216 1.85 -7.32 15.06
N ASP A 217 2.38 -6.17 14.66
CA ASP A 217 2.79 -5.14 15.62
C ASP A 217 1.75 -4.01 15.70
N ARG A 218 0.64 -4.14 14.97
CA ARG A 218 -0.38 -3.08 14.98
C ARG A 218 -0.84 -2.86 16.44
N PRO A 219 -0.89 -1.59 16.87
CA PRO A 219 -1.08 -1.24 18.29
C PRO A 219 -2.39 -1.78 18.90
N TRP A 220 -3.37 -2.06 18.05
CA TRP A 220 -4.70 -2.49 18.50
C TRP A 220 -4.88 -4.00 18.52
N ALA A 221 -3.82 -4.73 18.18
CA ALA A 221 -3.87 -6.18 18.16
C ALA A 221 -4.24 -6.77 19.53
N LYS A 222 -5.14 -7.75 19.51
CA LYS A 222 -5.52 -8.47 20.73
C LYS A 222 -5.03 -9.91 20.61
N PRO A 223 -4.58 -10.50 21.74
CA PRO A 223 -4.02 -11.86 21.74
C PRO A 223 -4.91 -12.91 21.06
N GLU A 224 -6.22 -12.68 21.05
CA GLU A 224 -7.17 -13.61 20.41
C GLU A 224 -7.24 -13.44 18.89
N ASP A 225 -6.76 -12.31 18.37
CA ASP A 225 -6.73 -12.10 16.92
C ASP A 225 -5.89 -13.15 16.20
N PRO A 226 -6.28 -13.50 14.98
CA PRO A 226 -5.51 -14.42 14.13
C PRO A 226 -4.07 -13.95 13.97
N SER A 227 -3.13 -14.89 13.94
CA SER A 227 -1.73 -14.57 13.68
C SER A 227 -1.22 -15.44 12.54
N LEU A 228 -1.02 -14.84 11.37
CA LEU A 228 -0.56 -15.58 10.20
C LEU A 228 0.82 -16.22 10.39
N LEU A 229 1.72 -15.48 11.05
CA LEU A 229 3.10 -15.96 11.21
C LEU A 229 3.17 -17.16 12.13
N GLU A 230 2.15 -17.31 12.96
CA GLU A 230 2.13 -18.40 13.93
C GLU A 230 1.15 -19.50 13.51
N ASP A 231 0.51 -19.30 12.36
CA ASP A 231 -0.45 -20.28 11.83
C ASP A 231 0.27 -21.58 11.45
N PRO A 232 -0.09 -22.69 12.13
CA PRO A 232 0.56 -23.99 11.85
C PRO A 232 0.45 -24.43 10.39
N LYS A 233 -0.65 -24.09 9.71
CA LYS A 233 -0.84 -24.51 8.33
C LYS A 233 0.02 -23.72 7.35
N ILE A 234 0.28 -22.46 7.68
CA ILE A 234 1.23 -21.66 6.92
C ILE A 234 2.66 -22.15 7.17
N LYS A 235 2.97 -22.37 8.44
CA LYS A 235 4.30 -22.85 8.80
C LYS A 235 4.59 -24.23 8.19
N GLU A 236 3.54 -25.03 8.00
CA GLU A 236 3.68 -26.34 7.37
C GLU A 236 4.25 -26.19 5.95
N ILE A 237 3.71 -25.24 5.21
CA ILE A 237 4.15 -24.98 3.84
C ILE A 237 5.55 -24.39 3.81
N ALA A 238 5.86 -23.52 4.77
CA ALA A 238 7.20 -22.96 4.86
C ALA A 238 8.23 -24.05 5.13
N ALA A 239 7.92 -24.92 6.07
CA ALA A 239 8.79 -26.06 6.37
C ALA A 239 9.05 -26.93 5.15
N LYS A 240 8.03 -27.18 4.35
CA LYS A 240 8.19 -28.00 3.16
C LYS A 240 9.26 -27.45 2.20
N HIS A 241 9.42 -26.12 2.18
CA HIS A 241 10.43 -25.48 1.35
C HIS A 241 11.68 -25.05 2.10
N THR A 244 10.85 -19.51 5.61
CA THR A 244 10.09 -18.97 6.74
C THR A 244 8.63 -18.74 6.38
N ALA A 245 7.79 -18.62 7.39
CA ALA A 245 6.38 -18.30 7.18
C ALA A 245 6.25 -17.00 6.40
N ALA A 246 7.03 -15.98 6.78
CA ALA A 246 6.96 -14.69 6.13
C ALA A 246 7.26 -14.82 4.63
N GLN A 247 8.27 -15.61 4.30
CA GLN A 247 8.61 -15.84 2.90
C GLN A 247 7.47 -16.49 2.11
N VAL A 248 6.75 -17.42 2.73
CA VAL A 248 5.59 -18.02 2.10
C VAL A 248 4.46 -17.01 1.87
N LEU A 249 4.22 -16.18 2.88
CA LEU A 249 3.17 -15.17 2.84
C LEU A 249 3.43 -14.15 1.76
N ILE A 250 4.70 -13.87 1.52
CA ILE A 250 5.14 -12.92 0.49
C ILE A 250 5.04 -13.58 -0.89
N ARG A 251 5.58 -14.78 -1.01
CA ARG A 251 5.55 -15.57 -2.25
C ARG A 251 4.13 -15.79 -2.77
N PHE A 252 3.19 -16.00 -1.84
CA PHE A 252 1.77 -16.15 -2.16
C PHE A 252 1.31 -15.05 -3.12
N HIS A 253 1.65 -13.80 -2.83
CA HIS A 253 1.16 -12.71 -3.68
C HIS A 253 1.85 -12.69 -5.04
N ILE A 254 3.16 -12.97 -5.02
CA ILE A 254 3.96 -12.94 -6.24
C ILE A 254 3.37 -13.90 -7.27
N GLN A 255 2.91 -15.06 -6.79
CA GLN A 255 2.35 -16.05 -7.70
C GLN A 255 0.93 -15.71 -8.20
N ARG A 256 0.32 -14.69 -7.62
CA ARG A 256 -0.98 -14.19 -8.10
C ARG A 256 -0.79 -12.92 -8.92
N ASN A 257 0.47 -12.60 -9.22
CA ASN A 257 0.87 -11.34 -9.86
C ASN A 257 0.38 -10.11 -9.09
N VAL A 258 0.42 -10.22 -7.77
CA VAL A 258 -0.03 -9.13 -6.91
C VAL A 258 1.20 -8.54 -6.20
N ILE A 259 1.39 -7.23 -6.34
CA ILE A 259 2.50 -6.54 -5.70
C ILE A 259 2.31 -6.60 -4.19
N VAL A 260 3.40 -6.71 -3.43
CA VAL A 260 3.33 -6.91 -1.98
C VAL A 260 4.37 -6.07 -1.25
N ILE A 261 3.97 -5.45 -0.13
CA ILE A 261 4.82 -4.45 0.50
C ILE A 261 5.05 -4.69 2.00
N PRO A 262 5.76 -5.79 2.32
CA PRO A 262 6.03 -6.05 3.74
C PRO A 262 6.92 -4.98 4.37
N SER A 264 9.52 -3.75 7.39
CA SER A 264 10.43 -4.07 8.47
C SER A 264 11.49 -3.01 8.58
N VAL A 265 12.00 -2.82 9.79
CA VAL A 265 13.18 -2.02 10.04
C VAL A 265 14.31 -2.92 10.56
N THR A 266 14.08 -4.23 10.51
CA THR A 266 15.08 -5.19 10.99
C THR A 266 15.89 -5.74 9.82
N PRO A 267 17.18 -5.40 9.75
CA PRO A 267 18.00 -5.78 8.59
C PRO A 267 17.86 -7.24 8.17
N ALA A 268 17.97 -8.20 9.09
CA ALA A 268 17.84 -9.61 8.74
C ALA A 268 16.51 -9.91 8.06
N ARG A 269 15.43 -9.28 8.56
CA ARG A 269 14.09 -9.55 8.04
C ARG A 269 13.87 -8.87 6.69
N ILE A 270 14.38 -7.64 6.55
CA ILE A 270 14.32 -6.94 5.28
C ILE A 270 14.96 -7.80 4.20
N VAL A 271 16.10 -8.40 4.52
CA VAL A 271 16.75 -9.32 3.58
C VAL A 271 15.91 -10.58 3.35
N GLU A 272 15.49 -11.23 4.44
CA GLU A 272 14.62 -12.41 4.37
C GLU A 272 13.40 -12.18 3.47
N ASN A 273 12.77 -11.03 3.63
CA ASN A 273 11.53 -10.74 2.93
C ASN A 273 11.67 -10.63 1.42
N ILE A 274 12.89 -10.47 0.92
CA ILE A 274 13.04 -10.40 -0.54
C ILE A 274 13.74 -11.64 -1.13
N GLN A 275 14.10 -12.60 -0.27
CA GLN A 275 14.61 -13.90 -0.74
C GLN A 275 13.43 -14.80 -1.04
N VAL A 276 12.65 -14.42 -2.06
CA VAL A 276 11.42 -15.11 -2.38
C VAL A 276 11.37 -15.45 -3.87
N PHE A 277 12.53 -15.53 -4.51
CA PHE A 277 12.59 -15.75 -5.95
C PHE A 277 13.40 -17.01 -6.28
N ASP A 278 13.67 -17.81 -5.25
CA ASP A 278 14.40 -19.06 -5.40
C ASP A 278 13.56 -20.26 -4.94
N PHE A 279 12.24 -20.08 -4.88
CA PHE A 279 11.33 -21.20 -4.63
C PHE A 279 9.97 -20.93 -5.23
N LYS A 280 9.16 -21.99 -5.36
CA LYS A 280 7.83 -21.84 -5.90
C LYS A 280 6.83 -22.65 -5.08
N LEU A 281 5.71 -22.03 -4.73
CA LEU A 281 4.62 -22.76 -4.11
C LEU A 281 3.87 -23.57 -5.17
N SER A 282 3.59 -24.83 -4.90
CA SER A 282 2.89 -25.67 -5.87
C SER A 282 1.45 -25.18 -6.05
N ASP A 283 0.78 -25.70 -7.07
CA ASP A 283 -0.63 -25.38 -7.27
C ASP A 283 -1.42 -25.84 -6.06
N GLU A 284 -1.07 -27.02 -5.54
CA GLU A 284 -1.78 -27.54 -4.39
C GLU A 284 -1.55 -26.66 -3.18
N GLU A 285 -0.33 -26.15 -3.01
CA GLU A 285 -0.03 -25.26 -1.89
C GLU A 285 -0.77 -23.93 -2.02
N MET A 286 -0.81 -23.39 -3.23
CA MET A 286 -1.55 -22.15 -3.50
C MET A 286 -3.04 -22.32 -3.17
N ALA A 287 -3.62 -23.44 -3.63
CA ALA A 287 -5.01 -23.76 -3.36
C ALA A 287 -5.31 -23.85 -1.87
N THR A 288 -4.44 -24.52 -1.13
CA THR A 288 -4.60 -24.66 0.32
C THR A 288 -4.56 -23.29 1.01
N ILE A 289 -3.57 -22.49 0.65
CA ILE A 289 -3.46 -21.14 1.21
C ILE A 289 -4.72 -20.33 0.93
N LEU A 290 -5.21 -20.39 -0.30
CA LEU A 290 -6.41 -19.66 -0.69
C LEU A 290 -7.59 -20.08 0.18
N SER A 291 -7.60 -21.35 0.58
CA SER A 291 -8.70 -21.88 1.40
C SER A 291 -8.73 -21.31 2.81
N PHE A 292 -7.69 -20.57 3.22
CA PHE A 292 -7.65 -20.00 4.57
C PHE A 292 -8.44 -18.70 4.69
N ASN A 293 -8.99 -18.21 3.59
CA ASN A 293 -9.80 -16.99 3.61
C ASN A 293 -10.91 -17.02 4.66
N ARG A 294 -10.92 -16.03 5.56
CA ARG A 294 -12.04 -15.88 6.50
C ARG A 294 -12.57 -14.46 6.48
N ASN A 295 -12.32 -13.75 5.38
CA ASN A 295 -12.66 -12.35 5.26
C ASN A 295 -12.30 -11.58 6.53
N TRP A 296 -11.04 -11.70 6.95
CA TRP A 296 -10.58 -11.05 8.18
C TRP A 296 -9.60 -9.91 7.95
N ARG A 297 -9.90 -8.75 8.51
CA ARG A 297 -9.09 -7.55 8.36
C ARG A 297 -8.31 -7.17 9.61
N ALA A 298 -6.99 -7.06 9.46
CA ALA A 298 -6.15 -6.50 10.51
C ALA A 298 -6.40 -4.99 10.63
N CYS A 299 -6.67 -4.36 9.50
CA CYS A 299 -6.95 -2.93 9.51
C CYS A 299 -8.46 -2.68 9.32
N ASN A 300 -9.18 -2.66 10.43
CA ASN A 300 -10.64 -2.54 10.42
C ASN A 300 -11.13 -1.91 11.71
N LEU A 301 -10.20 -1.27 12.42
CA LEU A 301 -10.47 -0.71 13.74
C LEU A 301 -11.24 0.61 13.70
N LEU A 302 -10.96 1.42 12.68
CA LEU A 302 -11.48 2.79 12.65
C LEU A 302 -12.97 2.89 12.41
N GLN A 303 -13.56 3.94 13.00
CA GLN A 303 -15.00 4.12 13.03
C GLN A 303 -15.41 5.19 12.02
N SER A 304 -15.81 4.75 10.82
CA SER A 304 -16.14 5.69 9.74
C SER A 304 -17.25 5.23 8.78
N SER A 305 -17.98 4.16 9.14
CA SER A 305 -19.01 3.64 8.25
C SER A 305 -20.19 4.59 8.07
N HIS A 306 -20.28 5.59 8.96
CA HIS A 306 -21.38 6.55 8.93
C HIS A 306 -21.22 7.59 7.82
N LEU A 307 -20.04 7.62 7.20
CA LEU A 307 -19.79 8.53 6.08
C LEU A 307 -19.95 7.82 4.74
N GLU A 308 -20.21 8.59 3.70
CA GLU A 308 -20.39 8.08 2.33
C GLU A 308 -19.12 7.37 1.84
N ASP A 309 -19.29 6.43 0.91
CA ASP A 309 -18.17 5.70 0.30
C ASP A 309 -17.36 4.82 1.24
N TYR A 310 -18.02 4.23 2.24
CA TYR A 310 -17.34 3.24 3.07
C TYR A 310 -17.10 1.98 2.26
N PRO A 311 -15.84 1.55 2.14
CA PRO A 311 -15.48 0.47 1.22
C PRO A 311 -15.70 -0.96 1.72
N PHE A 312 -15.74 -1.18 3.03
CA PHE A 312 -15.56 -2.52 3.58
C PHE A 312 -16.81 -3.36 3.78
N ASN A 313 -17.98 -2.80 3.51
CA ASN A 313 -19.22 -3.55 3.69
C ASN A 313 -19.78 -4.18 2.42
N ALA A 314 -19.31 -3.71 1.27
CA ALA A 314 -19.63 -4.34 -0.01
C ALA A 314 -18.97 -5.72 -0.08
N GLU A 315 -19.50 -6.59 -0.92
CA GLU A 315 -18.96 -7.95 -1.07
C GLU A 315 -17.51 -7.93 -1.55
N TYR A 316 -17.21 -6.97 -2.43
CA TYR A 316 -15.86 -6.75 -2.94
C TYR A 316 -15.83 -5.37 -3.59
#